data_6ET6
#
_entry.id   6ET6
#
_cell.length_a   30.980
_cell.length_b   67.000
_cell.length_c   75.760
_cell.angle_alpha   90.000
_cell.angle_beta   90.000
_cell.angle_gamma   90.000
#
_symmetry.space_group_name_H-M   'P 2 21 21'
#
loop_
_entity.id
_entity.type
_entity.pdbx_description
1 polymer Lysozyme
2 non-polymer 'SULFATE ION'
3 non-polymer GLYCEROL
4 water water
#
_entity_poly.entity_id   1
_entity_poly.type   'polypeptide(L)'
_entity_poly.pdbx_seq_one_letter_code
;MHHHHHHENLYFQSTKPFFDAARVIAGGKLTQAQVDDLNKVVEKLAPGGKTTSDDGIDLITSFEGTRFNAYDDGVGVWTI
GTGTTVYPNGVKVKKGDTCTAEQAKTYFKHDLAKFEKTVNESVTAPLTQNQFDALVSLTYNIGSGAFNNSTLLKKLNKGD
YQGAADQFLVWNKAGGKVMKGLVRRREAERALFLKK
;
_entity_poly.pdbx_strand_id   A
#
# COMPACT_ATOMS: atom_id res chain seq x y z
N GLY A 48 -0.27 -15.71 -0.37
CA GLY A 48 -0.64 -16.47 -1.57
C GLY A 48 0.57 -17.25 -1.92
N GLY A 49 1.43 -16.68 -2.75
CA GLY A 49 2.74 -17.20 -2.99
C GLY A 49 3.40 -16.60 -1.75
N LYS A 50 3.68 -15.31 -1.85
CA LYS A 50 4.32 -14.63 -0.77
C LYS A 50 3.31 -13.92 0.14
N THR A 51 3.81 -13.62 1.31
CA THR A 51 3.12 -12.74 2.24
C THR A 51 4.10 -11.59 2.63
N THR A 52 3.56 -10.45 3.12
CA THR A 52 4.35 -9.34 3.48
C THR A 52 5.21 -9.70 4.66
N SER A 53 6.50 -9.41 4.55
CA SER A 53 7.41 -9.71 5.64
C SER A 53 7.17 -8.84 6.85
N ASP A 54 7.76 -9.23 7.99
CA ASP A 54 7.66 -8.35 9.15
C ASP A 54 8.23 -6.96 8.86
N ASP A 55 9.39 -6.89 8.21
CA ASP A 55 9.95 -5.62 7.79
C ASP A 55 9.05 -4.82 6.89
N GLY A 56 8.38 -5.52 5.98
CA GLY A 56 7.41 -4.89 5.12
C GLY A 56 6.25 -4.30 5.86
N ILE A 57 5.72 -5.07 6.81
CA ILE A 57 4.62 -4.58 7.64
C ILE A 57 5.06 -3.35 8.44
N ASP A 58 6.28 -3.36 8.95
CA ASP A 58 6.77 -2.24 9.72
C ASP A 58 6.91 -0.98 8.83
N LEU A 59 7.37 -1.18 7.60
CA LEU A 59 7.45 -0.08 6.69
C LEU A 59 6.07 0.49 6.39
N ILE A 60 5.15 -0.38 6.03
CA ILE A 60 3.80 0.11 5.69
C ILE A 60 3.17 0.85 6.87
N THR A 61 3.39 0.28 8.04
CA THR A 61 2.85 0.91 9.24
C THR A 61 3.48 2.25 9.45
N SER A 62 4.76 2.39 9.15
CA SER A 62 5.41 3.71 9.30
C SER A 62 4.80 4.75 8.37
N PHE A 63 4.41 4.30 7.17
CA PHE A 63 3.79 5.20 6.19
C PHE A 63 2.38 5.54 6.59
N GLU A 64 1.62 4.53 7.01
CA GLU A 64 0.21 4.70 7.30
C GLU A 64 -0.09 5.37 8.61
N GLY A 65 0.78 5.17 9.59
CA GLY A 65 0.49 5.55 10.94
C GLY A 65 -0.49 4.58 11.60
N THR A 66 -0.72 4.73 12.91
CA THR A 66 -1.69 3.96 13.64
C THR A 66 -2.40 4.95 14.53
N ARG A 67 -3.65 5.17 14.21
CA ARG A 67 -4.43 6.21 14.83
C ARG A 67 -5.65 5.60 15.49
N PHE A 68 -5.91 6.07 16.71
CA PHE A 68 -7.08 5.60 17.51
C PHE A 68 -8.38 6.27 17.14
N ASN A 69 -8.30 7.43 16.56
CA ASN A 69 -9.44 8.23 16.16
C ASN A 69 -9.51 8.35 14.64
N ALA A 70 -10.73 8.28 14.12
CA ALA A 70 -10.90 8.51 12.69
C ALA A 70 -10.40 9.90 12.37
N TYR A 71 -9.71 10.04 11.23
CA TYR A 71 -9.16 11.28 10.84
C TYR A 71 -9.30 11.48 9.34
N ASP A 72 -9.19 12.71 8.91
CA ASP A 72 -9.25 13.06 7.51
C ASP A 72 -7.88 12.80 6.91
N ASP A 73 -7.81 11.95 5.91
CA ASP A 73 -6.51 11.60 5.26
C ASP A 73 -5.89 12.74 4.47
N GLY A 74 -6.60 13.86 4.37
CA GLY A 74 -6.13 14.99 3.60
C GLY A 74 -7.03 15.31 2.44
N VAL A 75 -7.72 14.31 1.93
CA VAL A 75 -8.64 14.51 0.84
C VAL A 75 -10.07 14.17 1.22
N GLY A 76 -10.31 14.18 2.55
CA GLY A 76 -11.64 14.04 3.08
C GLY A 76 -12.10 12.63 3.37
N VAL A 77 -11.25 11.62 3.21
CA VAL A 77 -11.62 10.26 3.45
C VAL A 77 -11.26 9.90 4.87
N TRP A 78 -12.29 9.57 5.63
CA TRP A 78 -12.09 9.22 7.00
C TRP A 78 -11.37 7.90 7.11
N THR A 79 -10.28 7.91 7.89
CA THR A 79 -9.34 6.79 7.96
C THR A 79 -9.09 6.55 9.44
N ILE A 80 -8.74 5.31 9.80
CA ILE A 80 -8.50 5.00 11.18
C ILE A 80 -7.54 3.82 11.27
N GLY A 81 -7.00 3.55 12.47
CA GLY A 81 -6.09 2.48 12.60
C GLY A 81 -4.88 2.73 11.75
N THR A 82 -4.48 1.70 11.01
CA THR A 82 -3.30 1.73 10.15
C THR A 82 -3.78 1.80 8.71
N GLY A 83 -4.34 2.93 8.33
CA GLY A 83 -4.80 3.13 7.00
C GLY A 83 -6.13 2.59 6.61
N THR A 84 -6.92 2.15 7.57
CA THR A 84 -8.22 1.55 7.30
C THR A 84 -9.24 2.57 6.91
N THR A 85 -9.96 2.30 5.82
CA THR A 85 -11.13 3.09 5.42
C THR A 85 -12.42 2.30 5.36
N VAL A 86 -12.32 1.00 5.24
CA VAL A 86 -13.49 0.14 5.15
C VAL A 86 -13.20 -1.03 6.09
N TYR A 87 -14.05 -1.23 7.10
CA TYR A 87 -13.89 -2.33 8.00
C TYR A 87 -14.14 -3.66 7.31
N PRO A 88 -13.71 -4.80 7.86
CA PRO A 88 -13.86 -6.08 7.15
C PRO A 88 -15.29 -6.49 6.89
N ASN A 89 -16.25 -5.98 7.63
CA ASN A 89 -17.65 -6.26 7.44
C ASN A 89 -18.29 -5.34 6.42
N GLY A 90 -17.52 -4.45 5.81
CA GLY A 90 -17.99 -3.54 4.78
C GLY A 90 -18.46 -2.17 5.24
N VAL A 91 -18.51 -1.99 6.55
CA VAL A 91 -18.85 -0.67 7.09
C VAL A 91 -17.75 0.30 6.78
N LYS A 92 -18.10 1.50 6.32
CA LYS A 92 -17.10 2.52 6.08
C LYS A 92 -16.72 3.23 7.35
N VAL A 93 -15.45 3.58 7.46
CA VAL A 93 -14.99 4.43 8.56
C VAL A 93 -15.66 5.78 8.48
N LYS A 94 -16.03 6.30 9.64
CA LYS A 94 -16.70 7.56 9.77
C LYS A 94 -16.02 8.42 10.79
N LYS A 95 -16.16 9.74 10.57
CA LYS A 95 -15.75 10.70 11.57
C LYS A 95 -16.36 10.34 12.91
N GLY A 96 -15.54 10.39 13.95
CA GLY A 96 -16.00 10.07 15.29
C GLY A 96 -15.73 8.63 15.71
N ASP A 97 -15.41 7.75 14.75
CA ASP A 97 -15.06 6.38 15.15
C ASP A 97 -13.78 6.37 15.99
N THR A 98 -13.69 5.37 16.82
CA THR A 98 -12.49 5.04 17.57
C THR A 98 -12.13 3.60 17.32
N CYS A 99 -10.87 3.26 17.54
CA CYS A 99 -10.41 1.93 17.26
C CYS A 99 -9.33 1.55 18.21
N THR A 100 -9.42 0.37 18.79
CA THR A 100 -8.37 -0.13 19.68
C THR A 100 -7.19 -0.65 18.85
N ALA A 101 -6.06 -0.85 19.47
CA ALA A 101 -4.90 -1.47 18.84
C ALA A 101 -5.24 -2.82 18.26
N GLU A 102 -5.98 -3.64 18.98
CA GLU A 102 -6.33 -4.98 18.49
C GLU A 102 -7.23 -4.90 17.30
N GLN A 103 -8.21 -3.99 17.36
CA GLN A 103 -9.08 -3.78 16.21
C GLN A 103 -8.26 -3.34 15.01
N ALA A 104 -7.39 -2.37 15.20
CA ALA A 104 -6.59 -1.82 14.09
C ALA A 104 -5.79 -2.95 13.46
N LYS A 105 -5.19 -3.80 14.26
CA LYS A 105 -4.39 -4.90 13.71
C LYS A 105 -5.23 -5.81 12.88
N THR A 106 -6.42 -6.16 13.36
CA THR A 106 -7.31 -7.04 12.62
C THR A 106 -7.65 -6.44 11.28
N TYR A 107 -8.02 -5.16 11.27
CA TYR A 107 -8.44 -4.51 10.03
C TYR A 107 -7.29 -4.42 9.04
N PHE A 108 -6.12 -4.07 9.56
CA PHE A 108 -4.93 -3.97 8.72
C PHE A 108 -4.57 -5.26 8.05
N LYS A 109 -4.57 -6.32 8.85
CA LYS A 109 -4.20 -7.60 8.31
C LYS A 109 -5.19 -8.09 7.28
N HIS A 110 -6.48 -7.78 7.48
CA HIS A 110 -7.52 -8.12 6.52
C HIS A 110 -7.27 -7.42 5.19
N ASP A 111 -7.01 -6.14 5.22
CA ASP A 111 -6.75 -5.44 3.95
C ASP A 111 -5.41 -5.85 3.35
N LEU A 112 -4.41 -6.05 4.16
CA LEU A 112 -3.11 -6.46 3.68
C LEU A 112 -3.23 -7.74 2.88
N ALA A 113 -4.03 -8.69 3.37
CA ALA A 113 -4.21 -9.95 2.67
C ALA A 113 -4.80 -9.72 1.30
N LYS A 114 -5.72 -8.79 1.17
CA LYS A 114 -6.32 -8.50 -0.15
C LYS A 114 -5.24 -8.05 -1.14
N PHE A 115 -4.36 -7.15 -0.68
CA PHE A 115 -3.34 -6.59 -1.56
C PHE A 115 -2.24 -7.59 -1.87
N GLU A 116 -1.96 -8.45 -0.93
CA GLU A 116 -1.04 -9.54 -1.18
C GLU A 116 -1.57 -10.39 -2.28
N LYS A 117 -2.89 -10.67 -2.24
CA LYS A 117 -3.47 -11.52 -3.26
C LYS A 117 -3.33 -10.84 -4.63
N THR A 118 -3.64 -9.55 -4.72
CA THR A 118 -3.40 -8.83 -5.97
C THR A 118 -2.00 -8.95 -6.47
N VAL A 119 -1.01 -8.72 -5.62
CA VAL A 119 0.36 -8.77 -6.12
C VAL A 119 0.75 -10.17 -6.54
N ASN A 120 0.42 -11.15 -5.71
CA ASN A 120 0.71 -12.53 -6.06
C ASN A 120 0.10 -12.91 -7.38
N GLU A 121 -1.15 -12.55 -7.63
CA GLU A 121 -1.86 -13.00 -8.81
C GLU A 121 -1.47 -12.19 -10.03
N SER A 122 -1.27 -10.88 -9.89
CA SER A 122 -1.05 -10.04 -11.04
C SER A 122 0.40 -10.00 -11.52
N VAL A 123 1.36 -10.22 -10.62
CA VAL A 123 2.74 -10.18 -11.02
C VAL A 123 3.15 -11.57 -11.49
N THR A 124 3.70 -11.63 -12.69
CA THR A 124 4.16 -12.89 -13.27
C THR A 124 5.68 -12.98 -13.32
N ALA A 125 6.41 -11.90 -13.10
CA ALA A 125 7.84 -11.92 -13.02
C ALA A 125 8.26 -12.41 -11.64
N PRO A 126 9.48 -12.96 -11.56
CA PRO A 126 10.04 -13.34 -10.27
C PRO A 126 10.18 -12.12 -9.36
N LEU A 127 9.99 -12.30 -8.07
CA LEU A 127 10.11 -11.25 -7.09
C LEU A 127 10.98 -11.64 -5.95
N THR A 128 11.84 -10.73 -5.52
CA THR A 128 12.42 -10.86 -4.20
C THR A 128 11.39 -10.53 -3.15
N GLN A 129 11.66 -10.94 -1.91
CA GLN A 129 10.79 -10.56 -0.84
C GLN A 129 10.68 -9.04 -0.69
N ASN A 130 11.79 -8.35 -0.80
CA ASN A 130 11.77 -6.89 -0.73
C ASN A 130 10.86 -6.31 -1.80
N GLN A 131 10.97 -6.83 -3.01
CA GLN A 131 10.12 -6.34 -4.11
C GLN A 131 8.63 -6.56 -3.81
N PHE A 132 8.31 -7.76 -3.32
CA PHE A 132 6.93 -8.06 -2.98
C PHE A 132 6.42 -7.07 -1.94
N ASP A 133 7.21 -6.87 -0.88
CA ASP A 133 6.84 -5.96 0.20
C ASP A 133 6.59 -4.56 -0.35
N ALA A 134 7.47 -4.08 -1.22
CA ALA A 134 7.32 -2.73 -1.79
C ALA A 134 6.07 -2.62 -2.62
N LEU A 135 5.81 -3.63 -3.46
CA LEU A 135 4.60 -3.64 -4.29
C LEU A 135 3.33 -3.71 -3.43
N VAL A 136 3.35 -4.47 -2.35
CA VAL A 136 2.19 -4.46 -1.47
C VAL A 136 2.00 -3.08 -0.84
N SER A 137 3.11 -2.43 -0.39
CA SER A 137 2.96 -1.12 0.20
C SER A 137 2.37 -0.14 -0.78
N LEU A 138 2.81 -0.18 -2.02
CA LEU A 138 2.25 0.67 -3.02
C LEU A 138 0.79 0.39 -3.25
N THR A 139 0.46 -0.87 -3.39
CA THR A 139 -0.93 -1.28 -3.67
C THR A 139 -1.87 -0.93 -2.53
N TYR A 140 -1.38 -1.06 -1.31
CA TYR A 140 -2.18 -0.68 -0.12
C TYR A 140 -2.65 0.73 -0.31
N ASN A 141 -1.79 1.62 -0.83
CA ASN A 141 -2.13 3.00 -1.06
C ASN A 141 -2.95 3.26 -2.34
N ILE A 142 -2.55 2.70 -3.48
CA ILE A 142 -3.20 3.04 -4.74
C ILE A 142 -4.41 2.17 -5.05
N GLY A 143 -4.46 1.00 -4.40
CA GLY A 143 -5.51 0.00 -4.63
C GLY A 143 -5.20 -0.97 -5.75
N SER A 144 -5.97 -2.03 -5.76
CA SER A 144 -5.72 -3.12 -6.68
C SER A 144 -5.96 -2.73 -8.13
N GLY A 145 -7.03 -2.00 -8.40
CA GLY A 145 -7.31 -1.63 -9.79
C GLY A 145 -6.23 -0.78 -10.41
N ALA A 146 -5.75 0.18 -9.64
CA ALA A 146 -4.68 1.07 -10.10
C ALA A 146 -3.42 0.28 -10.36
N PHE A 147 -3.10 -0.60 -9.43
CA PHE A 147 -1.93 -1.47 -9.60
C PHE A 147 -2.07 -2.30 -10.84
N ASN A 148 -3.23 -2.96 -10.97
CA ASN A 148 -3.43 -3.88 -12.11
C ASN A 148 -3.35 -3.21 -13.43
N ASN A 149 -3.76 -1.93 -13.54
CA ASN A 149 -3.71 -1.29 -14.81
C ASN A 149 -2.48 -0.42 -15.01
N SER A 150 -1.49 -0.52 -14.10
CA SER A 150 -0.38 0.39 -14.11
C SER A 150 0.64 0.05 -15.21
N THR A 151 1.34 1.06 -15.66
CA THR A 151 2.57 0.84 -16.47
C THR A 151 3.65 0.16 -15.64
N LEU A 152 3.66 0.42 -14.32
CA LEU A 152 4.56 -0.34 -13.44
C LEU A 152 4.47 -1.81 -13.68
N LEU A 153 3.24 -2.33 -13.59
CA LEU A 153 3.03 -3.77 -13.68
C LEU A 153 3.37 -4.27 -15.08
N LYS A 154 3.05 -3.46 -16.12
CA LYS A 154 3.41 -3.86 -17.46
C LYS A 154 4.88 -4.05 -17.62
N LYS A 155 5.68 -3.11 -17.08
CA LYS A 155 7.12 -3.21 -17.19
C LYS A 155 7.62 -4.36 -16.34
N LEU A 156 7.10 -4.45 -15.11
CA LEU A 156 7.52 -5.51 -14.22
C LEU A 156 7.37 -6.89 -14.85
N ASN A 157 6.21 -7.07 -15.48
CA ASN A 157 5.90 -8.38 -16.06
C ASN A 157 6.66 -8.68 -17.36
N LYS A 158 7.39 -7.70 -17.87
CA LYS A 158 8.41 -7.91 -18.88
C LYS A 158 9.74 -8.27 -18.33
N GLY A 159 9.84 -8.31 -17.01
CA GLY A 159 11.12 -8.49 -16.38
C GLY A 159 11.93 -7.25 -16.20
N ASP A 160 11.33 -6.09 -16.48
CA ASP A 160 12.07 -4.83 -16.48
C ASP A 160 11.98 -4.25 -15.04
N TYR A 161 12.81 -4.78 -14.16
CA TYR A 161 12.82 -4.33 -12.79
C TYR A 161 13.14 -2.85 -12.64
N GLN A 162 14.14 -2.34 -13.39
CA GLN A 162 14.47 -0.97 -13.24
C GLN A 162 13.34 -0.05 -13.69
N GLY A 163 12.74 -0.37 -14.78
CA GLY A 163 11.64 0.42 -15.29
C GLY A 163 10.44 0.39 -14.35
N ALA A 164 10.19 -0.78 -13.78
CA ALA A 164 9.14 -0.90 -12.76
C ALA A 164 9.46 -0.03 -11.54
N ALA A 165 10.71 -0.12 -11.07
CA ALA A 165 11.12 0.68 -9.91
C ALA A 165 10.81 2.14 -10.15
N ASP A 166 11.17 2.61 -11.35
CA ASP A 166 10.98 4.00 -11.61
C ASP A 166 9.51 4.40 -11.69
N GLN A 167 8.65 3.47 -12.07
CA GLN A 167 7.23 3.70 -12.11
C GLN A 167 6.60 3.90 -10.73
N PHE A 168 7.23 3.48 -9.62
CA PHE A 168 6.69 3.83 -8.33
C PHE A 168 6.48 5.31 -8.22
N LEU A 169 7.40 6.06 -8.80
CA LEU A 169 7.48 7.48 -8.61
C LEU A 169 6.34 8.23 -9.26
N VAL A 170 5.61 7.63 -10.16
CA VAL A 170 4.46 8.35 -10.78
C VAL A 170 3.24 8.41 -9.85
N TRP A 171 3.20 7.54 -8.85
CA TRP A 171 2.03 7.38 -7.98
C TRP A 171 2.10 8.31 -6.80
N ASN A 172 2.10 9.61 -7.07
CA ASN A 172 2.40 10.56 -6.03
C ASN A 172 1.19 11.50 -5.78
N LYS A 173 -0.01 11.07 -6.20
CA LYS A 173 -1.17 11.91 -6.14
C LYS A 173 -2.19 11.44 -5.14
N ALA A 174 -2.84 12.43 -4.49
CA ALA A 174 -4.00 12.19 -3.64
C ALA A 174 -5.01 13.29 -4.01
N GLY A 175 -6.27 12.91 -4.29
CA GLY A 175 -7.22 13.92 -4.69
C GLY A 175 -6.79 14.63 -5.97
N GLY A 176 -6.09 13.89 -6.82
CA GLY A 176 -5.60 14.41 -8.08
C GLY A 176 -4.42 15.35 -7.99
N LYS A 177 -3.83 15.48 -6.80
CA LYS A 177 -2.79 16.49 -6.57
C LYS A 177 -1.59 15.83 -6.04
N VAL A 178 -0.41 16.27 -6.48
CA VAL A 178 0.85 15.72 -5.96
C VAL A 178 0.95 16.05 -4.47
N MET A 179 1.27 15.01 -3.69
CA MET A 179 1.34 15.13 -2.26
CA MET A 179 1.33 15.12 -2.26
C MET A 179 2.75 14.76 -1.88
N LYS A 180 3.41 15.65 -1.15
CA LYS A 180 4.83 15.48 -0.88
C LYS A 180 5.08 14.27 -0.01
N GLY A 181 4.15 13.90 0.87
CA GLY A 181 4.35 12.67 1.68
C GLY A 181 4.33 11.43 0.75
N LEU A 182 3.55 11.47 -0.31
CA LEU A 182 3.53 10.36 -1.24
C LEU A 182 4.81 10.33 -2.08
N VAL A 183 5.34 11.49 -2.45
CA VAL A 183 6.58 11.57 -3.14
C VAL A 183 7.65 10.84 -2.30
N ARG A 184 7.71 11.15 -1.01
CA ARG A 184 8.66 10.51 -0.14
C ARG A 184 8.43 9.01 -0.02
N ARG A 185 7.19 8.66 0.13
CA ARG A 185 6.82 7.25 0.26
C ARG A 185 7.20 6.41 -0.98
N ARG A 186 6.93 6.97 -2.15
CA ARG A 186 7.24 6.27 -3.38
C ARG A 186 8.73 6.07 -3.51
N GLU A 187 9.50 7.11 -3.14
CA GLU A 187 10.97 6.99 -3.19
C GLU A 187 11.44 5.85 -2.28
N ALA A 188 10.84 5.76 -1.11
CA ALA A 188 11.21 4.76 -0.12
C ALA A 188 10.82 3.30 -0.57
N GLU A 189 9.62 3.20 -1.11
CA GLU A 189 9.19 1.94 -1.67
C GLU A 189 10.10 1.49 -2.83
N ARG A 190 10.46 2.44 -3.69
CA ARG A 190 11.33 2.15 -4.81
C ARG A 190 12.67 1.66 -4.27
N ALA A 191 13.19 2.32 -3.23
CA ALA A 191 14.49 1.92 -2.66
C ALA A 191 14.43 0.51 -2.13
N LEU A 192 13.29 0.19 -1.47
CA LEU A 192 13.16 -1.14 -0.98
C LEU A 192 13.08 -2.19 -2.15
N PHE A 193 12.33 -1.82 -3.18
CA PHE A 193 12.21 -2.66 -4.34
C PHE A 193 13.55 -3.00 -4.98
N LEU A 194 14.49 -2.04 -4.93
CA LEU A 194 15.79 -2.18 -5.50
C LEU A 194 16.81 -2.75 -4.50
N LYS A 195 16.40 -3.07 -3.29
CA LYS A 195 17.35 -3.43 -2.24
C LYS A 195 17.62 -4.92 -2.30
N LYS A 196 18.89 -5.29 -2.20
CA LYS A 196 19.39 -6.68 -2.23
C LYS A 196 20.82 -6.77 -1.77
#